data_3OIH
#
_entry.id   3OIH
#
_cell.length_a   42.238
_cell.length_b   64.677
_cell.length_c   48.852
_cell.angle_alpha   90.00
_cell.angle_beta   102.33
_cell.angle_gamma   90.00
#
_symmetry.space_group_name_H-M   'P 1 21 1'
#
loop_
_entity.id
_entity.type
_entity.pdbx_description
1 polymer Haementhin
2 branched alpha-D-glucopyranose-(1-1)-alpha-D-glucopyranose
3 non-polymer 'PHOSPHATE ION'
4 non-polymer 'ACETATE ION'
5 water water
#
_entity_poly.entity_id   1
_entity_poly.type   'polypeptide(L)'
_entity_poly.pdbx_seq_one_letter_code
;ANLDIAVYWGQNFDERSLEATCDTGNYAYVIIGFLNTFGGGQTPALDISGHSPSGLEPQIKHCQSKNVKVLLSIGGPKGP
YSLDSRSDANDLAVYLFNNFLLPPGHSENRPFGNAVLDGIDFHIEHGGPSQYQLLANILSSFRLAGTEFALTAAPQCVYP
DPNLGTVINSATFDAIWVQFYNNPQCSYSSGNAEALMNAWREWSMKARTKKVFLGFPAHPDAAGSGYMPPEKVKFHVFPA
AKKSYKFGGIMLWDSYWDTVSNFSSKILGEGW
;
_entity_poly.pdbx_strand_id   A
#
# COMPACT_ATOMS: atom_id res chain seq x y z
N ALA A 1 10.68 19.33 -2.99
CA ALA A 1 11.02 18.08 -3.67
C ALA A 1 9.84 17.53 -4.46
N ASN A 2 8.73 18.26 -4.35
CA ASN A 2 7.41 17.80 -4.71
C ASN A 2 7.23 16.36 -4.25
N LEU A 3 7.50 16.03 -2.98
CA LEU A 3 7.42 14.60 -2.70
C LEU A 3 6.03 14.04 -2.42
N ASP A 4 5.70 12.94 -3.09
CA ASP A 4 4.42 12.29 -2.85
C ASP A 4 4.70 11.22 -1.80
N ILE A 5 3.84 11.14 -0.78
CA ILE A 5 4.02 10.14 0.26
C ILE A 5 2.77 9.28 0.39
N ALA A 6 2.97 7.96 0.41
CA ALA A 6 1.86 7.04 0.56
C ALA A 6 2.00 6.54 1.99
N VAL A 7 0.89 6.33 2.68
CA VAL A 7 0.98 5.87 4.06
C VAL A 7 -0.09 4.84 4.38
N TYR A 8 0.26 3.85 5.19
CA TYR A 8 -0.72 2.84 5.60
C TYR A 8 -1.42 3.35 6.84
N TRP A 9 -2.73 3.11 6.90
CA TRP A 9 -3.54 3.54 8.03
C TRP A 9 -4.39 2.35 8.46
N GLY A 10 -4.81 2.34 9.72
CA GLY A 10 -5.66 1.26 10.22
C GLY A 10 -4.96 0.22 11.06
N GLN A 11 -3.72 0.46 11.42
CA GLN A 11 -2.94 -0.48 12.22
C GLN A 11 -3.11 -0.42 13.74
N ASN A 12 -3.85 0.58 14.21
CA ASN A 12 -4.02 0.74 15.61
C ASN A 12 -5.33 1.36 16.04
N PHE A 13 -6.02 0.69 16.93
CA PHE A 13 -7.29 1.22 17.43
C PHE A 13 -7.16 2.66 17.88
N ASP A 14 -6.07 2.97 18.52
CA ASP A 14 -5.85 4.28 19.07
C ASP A 14 -5.16 5.30 18.16
N GLU A 15 -4.98 4.98 16.91
CA GLU A 15 -4.28 5.89 16.03
C GLU A 15 -5.09 7.15 15.64
N ARG A 16 -4.36 8.17 15.21
CA ARG A 16 -4.93 9.36 14.65
C ARG A 16 -5.98 8.92 13.63
N SER A 17 -7.15 9.55 13.67
CA SER A 17 -8.24 9.19 12.79
C SER A 17 -7.88 9.31 11.32
N LEU A 18 -8.65 8.63 10.47
CA LEU A 18 -8.41 8.67 9.03
C LEU A 18 -8.54 10.09 8.49
N GLU A 19 -9.58 10.80 8.90
CA GLU A 19 -9.77 12.18 8.44
C GLU A 19 -8.65 13.11 8.89
N ALA A 20 -8.18 12.93 10.12
CA ALA A 20 -7.11 13.76 10.65
C ALA A 20 -5.80 13.44 9.92
N THR A 21 -5.58 12.15 9.49
CA THR A 21 -4.39 11.73 8.75
C THR A 21 -4.39 12.45 7.39
N CYS A 22 -5.54 12.49 6.79
CA CYS A 22 -5.62 13.16 5.50
C CYS A 22 -5.47 14.66 5.64
N ASP A 23 -6.00 15.21 6.75
CA ASP A 23 -5.90 16.65 7.01
C ASP A 23 -4.49 17.15 7.22
N THR A 24 -3.57 16.22 7.38
CA THR A 24 -2.18 16.65 7.58
C THR A 24 -1.62 17.28 6.31
N GLY A 25 -2.13 16.88 5.19
CA GLY A 25 -1.61 17.37 3.97
C GLY A 25 -0.29 16.73 3.60
N ASN A 26 0.13 15.76 4.38
CA ASN A 26 1.40 15.08 4.13
C ASN A 26 1.33 13.92 3.14
N TYR A 27 0.14 13.41 2.90
CA TYR A 27 0.01 12.24 2.04
C TYR A 27 -0.80 12.38 0.74
N ALA A 28 -0.31 11.72 -0.30
CA ALA A 28 -0.97 11.70 -1.60
C ALA A 28 -1.88 10.47 -1.63
N TYR A 29 -1.48 9.43 -0.89
CA TYR A 29 -2.23 8.19 -0.79
C TYR A 29 -2.32 7.75 0.66
N VAL A 30 -3.45 7.26 1.07
CA VAL A 30 -3.63 6.68 2.40
C VAL A 30 -4.17 5.29 2.09
N ILE A 31 -3.48 4.28 2.54
CA ILE A 31 -3.82 2.91 2.28
C ILE A 31 -4.39 2.22 3.53
N ILE A 32 -5.67 1.95 3.48
CA ILE A 32 -6.32 1.30 4.59
C ILE A 32 -6.01 -0.20 4.59
N GLY A 33 -5.41 -0.68 5.66
CA GLY A 33 -5.13 -2.11 5.82
C GLY A 33 -5.77 -2.71 7.08
N PHE A 34 -6.33 -3.91 6.97
CA PHE A 34 -6.28 -4.78 5.81
C PHE A 34 -7.50 -5.69 5.65
N LEU A 35 -7.83 -6.07 4.42
CA LEU A 35 -8.74 -7.21 4.17
C LEU A 35 -7.82 -8.43 4.28
N ASN A 36 -7.70 -8.95 5.48
CA ASN A 36 -6.73 -9.98 5.78
C ASN A 36 -7.27 -11.37 5.86
N THR A 37 -8.53 -11.52 5.52
CA THR A 37 -9.20 -12.80 5.50
C THR A 37 -9.93 -12.97 4.19
N PHE A 38 -9.56 -13.98 3.44
CA PHE A 38 -10.22 -14.38 2.24
C PHE A 38 -9.64 -15.73 1.79
N GLY A 39 -10.34 -16.39 0.90
CA GLY A 39 -9.84 -17.64 0.40
C GLY A 39 -10.08 -18.79 1.33
N GLY A 40 -9.78 -19.98 0.87
CA GLY A 40 -9.84 -21.15 1.70
C GLY A 40 -11.12 -21.44 2.45
N GLY A 41 -12.23 -21.20 1.78
CA GLY A 41 -13.51 -21.44 2.33
C GLY A 41 -14.04 -20.31 3.20
N GLN A 42 -13.19 -19.33 3.45
CA GLN A 42 -13.53 -18.18 4.26
C GLN A 42 -14.31 -17.09 3.56
N THR A 43 -15.14 -16.44 4.32
CA THR A 43 -15.80 -15.29 3.77
C THR A 43 -14.83 -14.10 4.00
N PRO A 44 -14.76 -13.11 3.13
CA PRO A 44 -13.79 -12.04 3.40
C PRO A 44 -14.10 -11.24 4.64
N ALA A 45 -13.05 -10.80 5.29
CA ALA A 45 -13.19 -9.97 6.46
C ALA A 45 -12.05 -8.94 6.56
N LEU A 46 -12.36 -7.85 7.22
CA LEU A 46 -11.41 -6.80 7.49
C LEU A 46 -10.82 -6.88 8.88
N ASP A 47 -9.60 -6.48 9.00
CA ASP A 47 -8.95 -6.37 10.31
C ASP A 47 -8.33 -5.00 10.25
N ILE A 48 -9.09 -3.99 10.67
CA ILE A 48 -8.60 -2.63 10.67
C ILE A 48 -8.50 -2.16 12.12
N SER A 49 -7.88 -3.02 12.93
CA SER A 49 -7.62 -2.73 14.33
C SER A 49 -8.80 -2.20 15.16
N GLY A 50 -9.98 -2.75 14.94
CA GLY A 50 -11.13 -2.33 15.72
C GLY A 50 -11.84 -1.05 15.28
N HIS A 51 -11.36 -0.40 14.22
CA HIS A 51 -12.01 0.81 13.73
C HIS A 51 -13.35 0.39 13.13
N SER A 52 -14.35 1.23 13.29
CA SER A 52 -15.65 0.93 12.71
C SER A 52 -15.65 1.10 11.16
N PRO A 53 -15.95 0.05 10.43
CA PRO A 53 -15.94 0.15 8.97
C PRO A 53 -16.93 1.14 8.45
N SER A 54 -18.16 1.11 8.92
CA SER A 54 -19.19 2.06 8.50
C SER A 54 -18.82 3.46 8.86
N GLY A 55 -18.19 3.56 10.02
CA GLY A 55 -17.70 4.78 10.57
C GLY A 55 -16.67 5.45 9.65
N LEU A 56 -15.98 4.66 8.87
CA LEU A 56 -15.05 5.17 7.90
C LEU A 56 -15.68 5.89 6.72
N GLU A 57 -16.92 5.58 6.39
CA GLU A 57 -17.54 6.17 5.24
C GLU A 57 -17.28 7.69 5.03
N PRO A 58 -17.67 8.52 5.98
CA PRO A 58 -17.55 9.95 5.83
C PRO A 58 -16.09 10.38 5.81
N GLN A 59 -15.27 9.69 6.58
CA GLN A 59 -13.84 9.96 6.64
C GLN A 59 -13.15 9.73 5.29
N ILE A 60 -13.50 8.65 4.65
CA ILE A 60 -12.97 8.36 3.36
C ILE A 60 -13.39 9.47 2.37
N LYS A 61 -14.66 9.84 2.36
CA LYS A 61 -15.14 10.90 1.47
C LYS A 61 -14.42 12.21 1.76
N HIS A 62 -14.17 12.49 3.03
CA HIS A 62 -13.47 13.72 3.38
C HIS A 62 -12.06 13.67 2.78
N CYS A 63 -11.40 12.54 2.95
CA CYS A 63 -10.06 12.37 2.40
C CYS A 63 -10.05 12.65 0.91
N GLN A 64 -10.97 12.03 0.18
CA GLN A 64 -11.03 12.21 -1.26
C GLN A 64 -11.36 13.66 -1.65
N SER A 65 -12.18 14.34 -0.85
CA SER A 65 -12.53 15.72 -1.15
C SER A 65 -11.30 16.62 -1.07
N LYS A 66 -10.30 16.19 -0.31
CA LYS A 66 -9.06 16.96 -0.19
C LYS A 66 -8.00 16.37 -1.09
N ASN A 67 -8.46 15.68 -2.13
CA ASN A 67 -7.61 15.05 -3.14
C ASN A 67 -6.59 14.01 -2.67
N VAL A 68 -6.95 13.27 -1.62
CA VAL A 68 -6.07 12.21 -1.13
C VAL A 68 -6.68 10.92 -1.65
N LYS A 69 -5.89 10.10 -2.33
CA LYS A 69 -6.36 8.84 -2.83
C LYS A 69 -6.43 7.79 -1.71
N VAL A 70 -7.56 7.15 -1.61
CA VAL A 70 -7.81 6.17 -0.58
C VAL A 70 -7.93 4.78 -1.18
N LEU A 71 -7.01 3.92 -0.79
CA LEU A 71 -6.96 2.55 -1.27
C LEU A 71 -7.30 1.54 -0.19
N LEU A 72 -7.75 0.37 -0.58
CA LEU A 72 -7.89 -0.76 0.33
C LEU A 72 -6.79 -1.79 0.07
N SER A 73 -6.14 -2.19 1.15
CA SER A 73 -5.08 -3.15 1.02
C SER A 73 -5.54 -4.56 1.35
N ILE A 74 -5.27 -5.50 0.46
CA ILE A 74 -5.67 -6.87 0.71
C ILE A 74 -4.45 -7.66 1.16
N GLY A 75 -4.68 -8.60 2.08
CA GLY A 75 -3.60 -9.42 2.60
C GLY A 75 -3.08 -8.83 3.90
N GLY A 76 -1.85 -8.41 3.89
CA GLY A 76 -1.21 -7.85 5.03
C GLY A 76 -0.11 -8.69 5.65
N PRO A 77 0.50 -8.18 6.69
CA PRO A 77 1.65 -8.84 7.26
C PRO A 77 1.29 -10.20 7.72
N LYS A 78 0.10 -10.34 8.27
CA LYS A 78 -0.39 -11.56 8.86
C LYS A 78 -1.85 -11.73 8.62
N GLY A 79 -2.34 -12.93 8.68
CA GLY A 79 -3.75 -13.15 8.42
C GLY A 79 -4.06 -14.44 7.69
N PRO A 80 -5.27 -14.99 7.88
CA PRO A 80 -5.67 -16.23 7.23
C PRO A 80 -6.20 -15.95 5.83
N TYR A 81 -5.31 -15.52 4.96
CA TYR A 81 -5.66 -15.24 3.59
C TYR A 81 -4.87 -16.13 2.63
N SER A 82 -5.57 -16.60 1.60
CA SER A 82 -5.02 -17.41 0.54
C SER A 82 -5.86 -17.25 -0.73
N LEU A 83 -5.29 -17.61 -1.85
CA LEU A 83 -5.95 -17.49 -3.09
C LEU A 83 -5.44 -18.53 -4.07
N ASP A 84 -5.52 -19.78 -3.70
CA ASP A 84 -4.99 -20.85 -4.55
C ASP A 84 -5.89 -21.30 -5.70
N SER A 85 -7.18 -21.02 -5.63
CA SER A 85 -8.07 -21.44 -6.70
C SER A 85 -8.49 -20.29 -7.60
N ARG A 86 -8.82 -20.61 -8.84
CA ARG A 86 -9.25 -19.61 -9.80
C ARG A 86 -10.59 -19.03 -9.33
N SER A 87 -11.40 -19.88 -8.69
CA SER A 87 -12.69 -19.45 -8.17
C SER A 87 -12.46 -18.41 -7.08
N ASP A 88 -11.43 -18.62 -6.26
CA ASP A 88 -11.10 -17.70 -5.18
C ASP A 88 -10.84 -16.31 -5.78
N ALA A 89 -10.05 -16.28 -6.85
CA ALA A 89 -9.70 -15.04 -7.53
C ALA A 89 -10.93 -14.33 -8.08
N ASN A 90 -11.80 -15.07 -8.73
CA ASN A 90 -13.02 -14.50 -9.30
C ASN A 90 -13.89 -13.95 -8.18
N ASP A 91 -14.05 -14.72 -7.11
CA ASP A 91 -14.88 -14.28 -5.99
C ASP A 91 -14.38 -12.99 -5.34
N LEU A 92 -13.08 -12.94 -5.05
CA LEU A 92 -12.51 -11.75 -4.43
C LEU A 92 -12.57 -10.54 -5.36
N ALA A 93 -12.34 -10.74 -6.64
CA ALA A 93 -12.40 -9.65 -7.61
C ALA A 93 -13.79 -9.04 -7.68
N VAL A 94 -14.80 -9.87 -7.80
CA VAL A 94 -16.17 -9.38 -7.84
C VAL A 94 -16.57 -8.72 -6.52
N TYR A 95 -16.15 -9.31 -5.41
CA TYR A 95 -16.44 -8.78 -4.09
C TYR A 95 -15.87 -7.37 -3.93
N LEU A 96 -14.59 -7.23 -4.26
CA LEU A 96 -13.91 -5.94 -4.15
C LEU A 96 -14.54 -4.90 -5.06
N PHE A 97 -14.86 -5.30 -6.26
CA PHE A 97 -15.44 -4.41 -7.24
C PHE A 97 -16.84 -3.87 -6.83
N ASN A 98 -17.71 -4.77 -6.43
CA ASN A 98 -19.06 -4.45 -6.08
C ASN A 98 -19.16 -3.61 -4.86
N ASN A 99 -18.31 -3.96 -3.95
CA ASN A 99 -18.35 -3.37 -2.63
C ASN A 99 -17.50 -2.16 -2.35
N PHE A 100 -16.46 -2.08 -2.96
CA PHE A 100 -15.54 -0.96 -2.73
C PHE A 100 -15.23 -0.05 -3.90
N LEU A 101 -15.26 -0.59 -5.12
CA LEU A 101 -14.91 0.19 -6.29
C LEU A 101 -16.05 0.73 -7.14
N LEU A 102 -17.28 0.39 -6.78
CA LEU A 102 -18.47 0.89 -7.47
C LEU A 102 -19.46 1.47 -6.49
N PRO A 103 -20.30 2.38 -6.94
CA PRO A 103 -21.32 2.94 -6.08
C PRO A 103 -22.29 1.80 -5.71
N PRO A 104 -23.12 1.94 -4.69
CA PRO A 104 -24.02 0.85 -4.35
C PRO A 104 -25.01 0.55 -5.46
N GLY A 105 -25.26 -0.73 -5.59
CA GLY A 105 -26.13 -1.31 -6.56
C GLY A 105 -27.35 -1.68 -5.74
N HIS A 106 -27.34 -1.19 -4.52
CA HIS A 106 -28.46 -1.05 -3.64
C HIS A 106 -29.11 -2.28 -3.04
N SER A 107 -28.30 -3.45 -3.34
CA SER A 107 -28.86 -4.74 -2.96
C SER A 107 -28.24 -5.32 -1.68
N GLU A 108 -27.06 -5.91 -1.78
CA GLU A 108 -26.38 -6.50 -0.63
C GLU A 108 -25.96 -5.43 0.37
N ASN A 109 -24.66 -5.22 0.50
CA ASN A 109 -24.12 -4.22 1.42
C ASN A 109 -22.68 -3.86 1.11
N ARG A 110 -22.11 -2.98 1.92
CA ARG A 110 -20.73 -2.55 1.74
C ARG A 110 -20.10 -2.13 3.07
N PRO A 111 -18.99 -2.77 3.41
CA PRO A 111 -18.28 -2.47 4.66
C PRO A 111 -18.09 -0.98 4.95
N PHE A 112 -17.67 -0.27 4.01
CA PHE A 112 -17.44 1.17 4.15
C PHE A 112 -18.63 2.00 3.70
N GLY A 113 -19.81 1.40 3.73
CA GLY A 113 -21.00 2.12 3.32
C GLY A 113 -20.99 2.45 1.84
N ASN A 114 -21.52 3.62 1.51
CA ASN A 114 -21.62 4.05 0.16
C ASN A 114 -20.38 4.76 -0.40
N ALA A 115 -19.28 4.64 0.33
CA ALA A 115 -18.04 5.28 -0.10
C ALA A 115 -17.49 4.45 -1.24
N VAL A 116 -16.80 5.10 -2.16
CA VAL A 116 -16.18 4.42 -3.26
C VAL A 116 -14.66 4.66 -3.21
N LEU A 117 -13.89 3.61 -3.02
CA LEU A 117 -12.46 3.68 -2.93
C LEU A 117 -11.75 4.00 -4.23
N ASP A 118 -10.53 4.50 -4.15
CA ASP A 118 -9.76 4.84 -5.30
C ASP A 118 -8.89 3.69 -5.84
N GLY A 119 -8.88 2.58 -5.16
CA GLY A 119 -8.11 1.46 -5.63
C GLY A 119 -7.88 0.30 -4.71
N ILE A 120 -7.10 -0.66 -5.18
CA ILE A 120 -6.77 -1.83 -4.37
C ILE A 120 -5.25 -2.01 -4.29
N ASP A 121 -4.77 -2.25 -3.08
CA ASP A 121 -3.34 -2.45 -2.83
C ASP A 121 -3.08 -3.93 -2.51
N PHE A 122 -2.16 -4.55 -3.26
CA PHE A 122 -1.81 -5.95 -3.05
C PHE A 122 -0.65 -6.05 -2.05
N HIS A 123 -0.96 -6.33 -0.79
CA HIS A 123 0.08 -6.46 0.23
C HIS A 123 0.18 -7.95 0.56
N ILE A 124 0.44 -8.77 -0.45
CA ILE A 124 0.53 -10.21 -0.29
C ILE A 124 1.89 -10.62 0.28
N GLU A 125 1.86 -11.09 1.53
CA GLU A 125 3.07 -11.46 2.26
C GLU A 125 3.37 -12.96 2.28
N HIS A 126 2.42 -13.79 1.85
CA HIS A 126 2.64 -15.23 1.85
C HIS A 126 1.77 -15.96 0.84
N GLY A 127 2.13 -17.20 0.61
CA GLY A 127 1.42 -18.06 -0.29
C GLY A 127 1.92 -18.21 -1.71
N GLY A 128 2.90 -17.42 -2.12
CA GLY A 128 3.44 -17.52 -3.45
C GLY A 128 2.46 -16.85 -4.38
N PRO A 129 2.76 -16.85 -5.66
CA PRO A 129 1.91 -16.17 -6.61
C PRO A 129 0.46 -16.70 -6.67
N SER A 130 0.29 -17.98 -6.34
CA SER A 130 -1.02 -18.62 -6.41
C SER A 130 -1.83 -18.11 -7.61
N GLN A 131 -3.01 -17.57 -7.33
CA GLN A 131 -3.86 -17.04 -8.39
C GLN A 131 -3.99 -15.52 -8.37
N TYR A 132 -3.02 -14.87 -7.78
CA TYR A 132 -3.00 -13.41 -7.74
C TYR A 132 -2.93 -12.76 -9.12
N GLN A 133 -2.26 -13.38 -10.06
CA GLN A 133 -2.23 -12.84 -11.41
C GLN A 133 -3.66 -12.78 -11.99
N LEU A 134 -4.41 -13.84 -11.78
CA LEU A 134 -5.79 -13.87 -12.28
C LEU A 134 -6.62 -12.79 -11.58
N LEU A 135 -6.42 -12.63 -10.28
CA LEU A 135 -7.16 -11.61 -9.54
C LEU A 135 -6.87 -10.24 -10.16
N ALA A 136 -5.59 -9.97 -10.40
CA ALA A 136 -5.19 -8.70 -11.00
C ALA A 136 -5.79 -8.56 -12.40
N ASN A 137 -5.79 -9.66 -13.16
CA ASN A 137 -6.34 -9.65 -14.51
C ASN A 137 -7.81 -9.26 -14.50
N ILE A 138 -8.58 -9.84 -13.59
CA ILE A 138 -10.00 -9.54 -13.50
C ILE A 138 -10.24 -8.12 -13.03
N LEU A 139 -9.50 -7.68 -12.02
CA LEU A 139 -9.64 -6.32 -11.52
C LEU A 139 -9.23 -5.34 -12.61
N SER A 140 -8.18 -5.67 -13.34
CA SER A 140 -7.71 -4.79 -14.42
C SER A 140 -8.78 -4.69 -15.50
N SER A 141 -9.46 -5.79 -15.77
CA SER A 141 -10.53 -5.81 -16.77
C SER A 141 -11.63 -4.83 -16.35
N PHE A 142 -11.91 -4.78 -15.05
CA PHE A 142 -12.94 -3.90 -14.51
C PHE A 142 -12.47 -2.45 -14.65
N ARG A 143 -11.16 -2.27 -14.51
CA ARG A 143 -10.53 -0.96 -14.62
C ARG A 143 -10.78 -0.41 -16.03
N LEU A 144 -10.99 -1.32 -16.98
CA LEU A 144 -11.24 -0.95 -18.36
C LEU A 144 -12.73 -0.95 -18.71
N ALA A 145 -13.56 -1.47 -17.82
CA ALA A 145 -14.99 -1.55 -18.07
C ALA A 145 -15.78 -0.35 -17.54
N GLY A 146 -15.08 0.75 -17.25
CA GLY A 146 -15.74 1.95 -16.77
C GLY A 146 -15.45 2.45 -15.37
N THR A 147 -14.72 1.65 -14.59
CA THR A 147 -14.36 2.03 -13.23
C THR A 147 -12.88 2.38 -13.15
N GLU A 148 -12.59 3.67 -13.23
CA GLU A 148 -11.21 4.15 -13.18
C GLU A 148 -10.65 4.13 -11.76
N PHE A 149 -9.95 3.06 -11.41
CA PHE A 149 -9.35 2.93 -10.10
C PHE A 149 -7.93 2.42 -10.23
N ALA A 150 -7.14 2.57 -9.19
CA ALA A 150 -5.75 2.13 -9.22
C ALA A 150 -5.48 0.77 -8.62
N LEU A 151 -4.42 0.13 -9.12
CA LEU A 151 -3.96 -1.16 -8.63
C LEU A 151 -2.51 -0.95 -8.21
N THR A 152 -2.20 -1.23 -6.96
CA THR A 152 -0.85 -1.06 -6.45
C THR A 152 -0.41 -2.34 -5.74
N ALA A 153 0.90 -2.44 -5.46
CA ALA A 153 1.45 -3.60 -4.78
C ALA A 153 2.52 -3.19 -3.78
N ALA A 154 2.70 -3.99 -2.74
CA ALA A 154 3.70 -3.72 -1.71
C ALA A 154 4.62 -4.93 -1.51
N PRO A 155 5.52 -5.17 -2.48
CA PRO A 155 6.43 -6.30 -2.38
C PRO A 155 7.53 -6.07 -1.34
N GLN A 156 8.14 -7.16 -0.89
CA GLN A 156 9.25 -7.03 0.04
C GLN A 156 10.39 -6.59 -0.85
N CYS A 157 11.53 -6.24 -0.29
CA CYS A 157 12.60 -5.71 -1.13
C CYS A 157 13.57 -6.60 -1.91
N VAL A 158 13.36 -7.92 -1.89
CA VAL A 158 14.24 -8.79 -2.65
C VAL A 158 13.63 -8.96 -4.03
N TYR A 159 14.38 -8.61 -5.07
CA TYR A 159 13.87 -8.73 -6.44
C TYR A 159 14.33 -10.03 -7.11
N PRO A 160 13.38 -10.79 -7.70
CA PRO A 160 11.94 -10.50 -7.75
C PRO A 160 11.24 -11.02 -6.51
N ASP A 161 10.11 -10.42 -6.16
CA ASP A 161 9.35 -10.81 -4.98
C ASP A 161 8.72 -12.19 -5.17
N PRO A 162 8.90 -13.10 -4.19
CA PRO A 162 8.34 -14.45 -4.27
C PRO A 162 6.82 -14.52 -4.34
N ASN A 163 6.14 -13.53 -3.77
CA ASN A 163 4.68 -13.53 -3.77
C ASN A 163 4.05 -12.73 -4.91
N LEU A 164 4.65 -11.58 -5.24
CA LEU A 164 4.09 -10.70 -6.26
C LEU A 164 4.96 -10.48 -7.50
N GLY A 165 6.15 -11.08 -7.51
CA GLY A 165 7.05 -10.90 -8.62
C GLY A 165 6.47 -11.13 -10.01
N THR A 166 5.77 -12.23 -10.18
CA THR A 166 5.14 -12.54 -11.46
C THR A 166 4.02 -11.57 -11.85
N VAL A 167 3.20 -11.20 -10.89
CA VAL A 167 2.13 -10.27 -11.15
C VAL A 167 2.71 -8.92 -11.52
N ILE A 168 3.74 -8.52 -10.81
CA ILE A 168 4.38 -7.28 -11.11
C ILE A 168 4.91 -7.27 -12.53
N ASN A 169 5.44 -8.40 -12.96
CA ASN A 169 5.99 -8.60 -14.30
C ASN A 169 4.97 -8.38 -15.43
N SER A 170 3.69 -8.55 -15.13
CA SER A 170 2.60 -8.30 -16.06
C SER A 170 2.37 -6.85 -16.41
N ALA A 171 2.99 -5.98 -15.64
CA ALA A 171 2.89 -4.54 -15.76
C ALA A 171 1.54 -3.94 -15.33
N THR A 172 0.76 -4.73 -14.65
CA THR A 172 -0.58 -4.32 -14.26
C THR A 172 -0.70 -3.24 -13.17
N PHE A 173 0.34 -3.07 -12.34
CA PHE A 173 0.27 -2.07 -11.27
C PHE A 173 0.65 -0.65 -11.66
N ASP A 174 -0.22 0.28 -11.25
CA ASP A 174 -0.02 1.70 -11.50
C ASP A 174 1.15 2.20 -10.68
N ALA A 175 1.32 1.62 -9.49
CA ALA A 175 2.41 2.02 -8.61
C ALA A 175 2.77 0.88 -7.68
N ILE A 176 4.02 0.88 -7.23
CA ILE A 176 4.48 -0.14 -6.31
C ILE A 176 5.32 0.51 -5.23
N TRP A 177 5.13 0.09 -3.98
CA TRP A 177 5.92 0.59 -2.85
C TRP A 177 6.69 -0.59 -2.31
N VAL A 178 7.99 -0.57 -2.54
CA VAL A 178 8.85 -1.64 -2.06
C VAL A 178 9.15 -1.46 -0.58
N GLN A 179 8.95 -2.51 0.21
CA GLN A 179 9.21 -2.45 1.63
C GLN A 179 10.71 -2.60 1.88
N PHE A 180 11.39 -1.47 2.01
CA PHE A 180 12.82 -1.48 2.28
C PHE A 180 13.05 -1.56 3.78
N TYR A 181 12.55 -2.64 4.37
CA TYR A 181 12.69 -2.89 5.80
C TYR A 181 12.38 -4.35 6.10
N ASN A 182 12.71 -4.78 7.33
CA ASN A 182 12.49 -6.16 7.75
C ASN A 182 13.22 -7.18 6.89
N ASN A 183 14.35 -6.75 6.30
CA ASN A 183 15.17 -7.62 5.48
C ASN A 183 16.51 -6.93 5.22
N PRO A 184 17.53 -7.23 6.05
CA PRO A 184 18.87 -6.66 5.93
C PRO A 184 19.54 -6.81 4.57
N GLN A 185 19.13 -7.82 3.81
CA GLN A 185 19.73 -8.05 2.50
C GLN A 185 19.42 -6.92 1.52
N CYS A 186 18.34 -6.18 1.78
CA CYS A 186 17.97 -5.10 0.88
C CYS A 186 17.48 -3.79 1.48
N SER A 187 17.76 -3.57 2.75
CA SER A 187 17.36 -2.33 3.39
C SER A 187 18.48 -1.74 4.22
N TYR A 188 18.27 -0.55 4.76
CA TYR A 188 19.31 0.13 5.48
C TYR A 188 19.71 -0.67 6.70
N SER A 189 20.89 -0.73 7.13
CA SER A 189 21.33 -1.47 8.31
C SER A 189 22.81 -1.25 8.59
N SER A 190 23.06 -1.06 9.79
CA SER A 190 24.39 -0.67 10.23
C SER A 190 24.98 0.57 9.62
N GLY A 191 24.25 1.66 9.61
CA GLY A 191 24.82 2.89 9.12
C GLY A 191 25.46 2.67 7.77
N ASN A 192 24.81 1.89 6.95
CA ASN A 192 25.30 1.48 5.65
C ASN A 192 24.13 1.27 4.69
N ALA A 193 24.09 2.09 3.63
CA ALA A 193 23.00 2.02 2.67
C ALA A 193 23.35 1.35 1.33
N GLU A 194 24.46 0.63 1.28
CA GLU A 194 24.84 -0.02 0.03
C GLU A 194 23.78 -1.02 -0.42
N ALA A 195 23.41 -1.93 0.46
CA ALA A 195 22.41 -2.95 0.15
C ALA A 195 21.10 -2.31 -0.30
N LEU A 196 20.71 -1.25 0.39
CA LEU A 196 19.49 -0.52 0.05
C LEU A 196 19.60 0.08 -1.34
N MET A 197 20.69 0.79 -1.60
CA MET A 197 20.88 1.42 -2.90
C MET A 197 20.96 0.43 -4.05
N ASN A 198 21.59 -0.72 -3.81
CA ASN A 198 21.69 -1.73 -4.86
C ASN A 198 20.30 -2.28 -5.19
N ALA A 199 19.49 -2.48 -4.15
CA ALA A 199 18.13 -2.98 -4.33
C ALA A 199 17.29 -1.95 -5.07
N TRP A 200 17.40 -0.69 -4.66
CA TRP A 200 16.65 0.37 -5.33
C TRP A 200 17.02 0.40 -6.81
N ARG A 201 18.30 0.26 -7.10
CA ARG A 201 18.75 0.27 -8.49
C ARG A 201 18.06 -0.80 -9.31
N GLU A 202 18.00 -2.00 -8.76
CA GLU A 202 17.36 -3.10 -9.47
C GLU A 202 15.86 -2.90 -9.60
N TRP A 203 15.21 -2.45 -8.54
CA TRP A 203 13.76 -2.23 -8.60
C TRP A 203 13.39 -1.15 -9.62
N SER A 204 14.09 -0.02 -9.58
CA SER A 204 13.81 1.07 -10.51
C SER A 204 14.12 0.67 -11.95
N MET A 205 15.05 -0.27 -12.11
CA MET A 205 15.45 -0.74 -13.43
C MET A 205 14.50 -1.79 -14.02
N LYS A 206 14.13 -2.78 -13.20
CA LYS A 206 13.31 -3.89 -13.66
C LYS A 206 11.80 -3.93 -13.38
N ALA A 207 11.32 -3.19 -12.39
CA ALA A 207 9.91 -3.27 -12.08
C ALA A 207 9.06 -2.66 -13.20
N ARG A 208 8.11 -3.42 -13.69
CA ARG A 208 7.26 -2.98 -14.78
C ARG A 208 6.07 -2.20 -14.28
N THR A 209 6.34 -1.00 -13.84
CA THR A 209 5.34 -0.08 -13.34
C THR A 209 5.81 1.34 -13.65
N LYS A 210 4.88 2.26 -13.71
CA LYS A 210 5.21 3.64 -13.99
C LYS A 210 5.82 4.36 -12.80
N LYS A 211 5.45 3.92 -11.60
CA LYS A 211 5.95 4.54 -10.38
C LYS A 211 6.40 3.56 -9.31
N VAL A 212 7.63 3.74 -8.84
CA VAL A 212 8.18 2.90 -7.78
C VAL A 212 8.44 3.81 -6.59
N PHE A 213 7.84 3.47 -5.45
CA PHE A 213 8.01 4.23 -4.22
C PHE A 213 8.91 3.45 -3.27
N LEU A 214 9.71 4.16 -2.47
CA LEU A 214 10.56 3.50 -1.50
C LEU A 214 9.83 3.48 -0.16
N GLY A 215 9.57 2.32 0.36
CA GLY A 215 8.88 2.18 1.61
C GLY A 215 9.83 2.09 2.78
N PHE A 216 9.61 2.92 3.79
CA PHE A 216 10.45 2.95 4.99
C PHE A 216 9.59 2.95 6.25
N PRO A 217 10.17 2.55 7.39
CA PRO A 217 9.45 2.53 8.66
C PRO A 217 9.44 3.98 9.12
N ALA A 218 8.37 4.43 9.76
CA ALA A 218 8.31 5.82 10.22
C ALA A 218 8.95 6.00 11.59
N HIS A 219 9.29 4.92 12.23
CA HIS A 219 9.91 4.92 13.53
C HIS A 219 10.70 3.61 13.75
N PRO A 220 11.70 3.67 14.61
CA PRO A 220 12.50 2.50 14.88
C PRO A 220 11.67 1.35 15.43
N ASP A 221 10.62 1.62 16.17
CA ASP A 221 9.73 0.59 16.69
C ASP A 221 8.73 0.06 15.66
N ALA A 222 8.57 0.77 14.55
CA ALA A 222 7.61 0.39 13.52
C ALA A 222 7.97 -0.88 12.74
N ALA A 223 9.26 -1.23 12.74
CA ALA A 223 9.70 -2.42 12.02
C ALA A 223 10.81 -3.13 12.78
N GLY A 224 11.05 -4.39 12.45
CA GLY A 224 12.09 -5.15 13.10
C GLY A 224 13.46 -4.60 12.77
N SER A 225 13.59 -4.07 11.56
CA SER A 225 14.85 -3.50 11.09
C SER A 225 14.61 -2.66 9.84
N GLY A 226 15.61 -1.91 9.46
CA GLY A 226 15.58 -1.08 8.30
C GLY A 226 15.26 0.38 8.49
N TYR A 227 14.99 0.80 9.71
CA TYR A 227 14.68 2.19 9.93
C TYR A 227 15.85 3.09 9.50
N MET A 228 15.56 4.12 8.74
CA MET A 228 16.52 5.09 8.29
C MET A 228 16.01 6.48 8.58
N PRO A 229 16.76 7.27 9.31
CA PRO A 229 16.29 8.58 9.72
C PRO A 229 16.02 9.47 8.54
N PRO A 230 15.08 10.38 8.67
CA PRO A 230 14.64 11.16 7.55
C PRO A 230 15.69 11.99 6.90
N GLU A 231 16.56 12.58 7.68
CA GLU A 231 17.62 13.37 7.13
C GLU A 231 18.53 12.49 6.27
N LYS A 232 18.79 11.27 6.70
CA LYS A 232 19.60 10.34 5.94
C LYS A 232 18.93 9.96 4.63
N VAL A 233 17.62 9.74 4.68
CA VAL A 233 16.90 9.45 3.46
C VAL A 233 16.99 10.61 2.48
N LYS A 234 16.79 11.82 2.93
CA LYS A 234 16.87 12.94 2.03
C LYS A 234 18.26 13.11 1.45
N PHE A 235 19.27 13.03 2.29
CA PHE A 235 20.64 13.21 1.86
C PHE A 235 21.24 12.13 1.00
N HIS A 236 20.98 10.93 1.42
CA HIS A 236 21.59 9.73 0.92
C HIS A 236 20.79 9.03 -0.14
N VAL A 237 19.49 9.08 0.04
CA VAL A 237 18.64 8.27 -0.84
C VAL A 237 18.02 9.01 -2.06
N PHE A 238 17.47 10.22 -1.84
CA PHE A 238 16.82 11.04 -2.85
C PHE A 238 17.62 11.49 -4.08
N PRO A 239 18.89 11.85 -3.92
CA PRO A 239 19.61 12.31 -5.08
C PRO A 239 19.73 11.20 -6.11
N ALA A 240 20.10 10.03 -5.69
CA ALA A 240 20.16 8.91 -6.62
C ALA A 240 18.78 8.48 -7.15
N ALA A 241 17.81 8.40 -6.25
CA ALA A 241 16.51 7.94 -6.62
C ALA A 241 15.81 8.87 -7.60
N LYS A 242 15.96 10.16 -7.39
CA LYS A 242 15.34 11.14 -8.22
C LYS A 242 15.85 11.07 -9.65
N LYS A 243 17.02 10.37 -9.89
CA LYS A 243 17.54 10.26 -11.26
C LYS A 243 16.77 9.22 -12.05
N SER A 244 15.85 8.52 -11.37
CA SER A 244 15.06 7.52 -12.05
C SER A 244 13.76 8.10 -12.47
N TYR A 245 13.37 7.77 -13.71
CA TYR A 245 12.12 8.24 -14.28
C TYR A 245 10.93 7.55 -13.61
N LYS A 246 11.22 6.50 -12.90
CA LYS A 246 10.19 5.76 -12.17
C LYS A 246 10.02 6.16 -10.68
N PHE A 247 10.86 7.04 -10.20
CA PHE A 247 10.77 7.46 -8.80
C PHE A 247 9.40 8.08 -8.54
N GLY A 248 8.62 7.45 -7.65
CA GLY A 248 7.30 7.98 -7.34
C GLY A 248 7.23 8.75 -6.03
N GLY A 249 8.16 8.45 -5.14
CA GLY A 249 8.19 9.11 -3.84
C GLY A 249 8.47 8.04 -2.79
N ILE A 250 7.91 8.20 -1.60
CA ILE A 250 8.12 7.20 -0.57
C ILE A 250 6.82 6.73 0.06
N MET A 251 6.87 5.57 0.64
CA MET A 251 5.76 5.02 1.38
C MET A 251 6.25 4.90 2.82
N LEU A 252 5.41 5.15 3.79
CA LEU A 252 5.82 5.06 5.20
C LEU A 252 5.07 3.97 5.91
N TRP A 253 5.69 3.15 6.73
CA TRP A 253 4.87 2.33 7.62
C TRP A 253 4.88 2.84 9.08
N ASP A 254 3.86 3.45 9.60
CA ASP A 254 2.58 3.62 9.10
C ASP A 254 2.12 4.89 9.79
N SER A 255 0.87 5.22 9.61
CA SER A 255 0.33 6.43 10.14
C SER A 255 0.47 6.49 11.67
N TYR A 256 0.23 5.40 12.35
CA TYR A 256 0.27 5.40 13.78
C TYR A 256 1.64 5.87 14.25
N TRP A 257 2.68 5.29 13.69
CA TRP A 257 4.04 5.66 13.98
C TRP A 257 4.47 7.04 13.49
N ASP A 258 4.05 7.39 12.29
CA ASP A 258 4.37 8.68 11.71
C ASP A 258 3.83 9.86 12.58
N THR A 259 2.68 9.64 13.18
CA THR A 259 2.09 10.62 14.03
C THR A 259 3.03 10.91 15.21
N VAL A 260 3.59 9.88 15.79
CA VAL A 260 4.54 9.93 16.89
C VAL A 260 5.91 10.52 16.52
N SER A 261 6.47 10.02 15.45
CA SER A 261 7.78 10.39 14.96
C SER A 261 7.92 11.70 14.20
N ASN A 262 6.86 12.16 13.58
CA ASN A 262 6.83 13.31 12.70
C ASN A 262 7.77 13.07 11.50
N PHE A 263 7.92 11.83 11.10
CA PHE A 263 8.85 11.51 10.01
C PHE A 263 8.52 12.21 8.73
N SER A 264 7.25 12.18 8.36
CA SER A 264 6.82 12.84 7.15
C SER A 264 6.98 14.35 7.24
N SER A 265 6.70 14.93 8.41
CA SER A 265 6.85 16.36 8.59
C SER A 265 8.32 16.74 8.37
N LYS A 266 9.24 15.96 8.91
CA LYS A 266 10.68 16.14 8.70
C LYS A 266 11.16 15.96 7.27
N ILE A 267 10.64 14.98 6.59
CA ILE A 267 10.94 14.74 5.22
C ILE A 267 10.45 15.91 4.37
N LEU A 268 9.31 16.44 4.67
CA LEU A 268 8.77 17.49 3.85
C LEU A 268 9.18 18.91 4.22
N GLY A 269 9.84 19.13 5.33
CA GLY A 269 10.16 20.47 5.76
C GLY A 269 9.09 21.01 6.67
N GLU A 270 8.04 19.98 7.06
CA GLU A 270 6.95 20.09 8.02
C GLU A 270 5.58 20.20 7.35
N GLY A 271 5.48 20.08 6.04
CA GLY A 271 4.22 20.17 5.31
C GLY A 271 2.79 20.16 5.85
N TRP A 272 2.47 21.12 6.72
CA TRP A 272 1.12 21.25 7.28
C TRP A 272 0.10 21.62 6.25
#